data_9EPU
#
_entry.id   9EPU
#
_cell.length_a   89.077
_cell.length_b   89.077
_cell.length_c   132.647
_cell.angle_alpha   90.000
_cell.angle_beta   90.000
_cell.angle_gamma   120.000
#
_symmetry.space_group_name_H-M   'P 63 2 2'
#
loop_
_entity.id
_entity.type
_entity.pdbx_description
1 polymer 'Cyclin-dependent kinase-like 5'
2 non-polymer ~{N}-[5-[(5-propan-2-yl-1,3-oxazol-2-yl)methylsulfanyl]-1,3-thiazol-2-yl]piperidine-4-carboxamide
3 non-polymer 'SULFATE ION'
4 non-polymer GLYCEROL
5 non-polymer DI(HYDROXYETHYL)ETHER
6 water water
#
_entity_poly.entity_id   1
_entity_poly.type   'polypeptide(L)'
_entity_poly.pdbx_seq_one_letter_code
;SMKIPNIGNVMNKFEILGVVGEGAYGVVLKCRHKETHEIVAIKKFKDSEENEEVKETTLRELKMLRTLKQENIVELKEAF
RRRGKLYLVFEYVEKNMLELLEEMPNGVPPEKVKSYIYQLIKAIHWCHKNDIVHRDIKPENLLISHNDVLKLCDFGFARN
LSEGNNANYDEEVATRWYRSPELLLGAPYGKSVDMWSVGCILGELSDGQPLFPGESEIDQLFTIQKVLGPLPSEQMKLFY
SNPRFHGLRFPAVNHPQSLERRYLGILNSVLLDLMKNLLKLDPADRYLTEQCLNHPTFQTQRLL
;
_entity_poly.pdbx_strand_id   A
#
loop_
_chem_comp.id
_chem_comp.type
_chem_comp.name
_chem_comp.formula
A1H6P non-polymer ~{N}-[5-[(5-propan-2-yl-1,3-oxazol-2-yl)methylsulfanyl]-1,3-thiazol-2-yl]piperidine-4-carboxamide 'C16 H22 N4 O2 S2'
GOL non-polymer GLYCEROL 'C3 H8 O3'
PEG non-polymer DI(HYDROXYETHYL)ETHER 'C4 H10 O3'
SO4 non-polymer 'SULFATE ION' 'O4 S -2'
#
# COMPACT_ATOMS: atom_id res chain seq x y z
N LYS A 13 -6.09 -4.94 32.41
CA LYS A 13 -4.80 -4.50 32.92
C LYS A 13 -3.69 -5.14 32.09
N PHE A 14 -2.98 -4.27 31.38
CA PHE A 14 -1.92 -4.63 30.44
C PHE A 14 -0.55 -4.17 30.92
N GLU A 15 0.41 -5.08 30.91
CA GLU A 15 1.79 -4.68 31.16
C GLU A 15 2.36 -4.28 29.80
N ILE A 16 3.02 -3.13 29.78
CA ILE A 16 3.66 -2.62 28.57
C ILE A 16 4.98 -3.36 28.35
N LEU A 17 5.11 -3.99 27.17
CA LEU A 17 6.33 -4.69 26.75
C LEU A 17 7.21 -3.84 25.86
N GLY A 18 6.64 -2.91 25.12
CA GLY A 18 7.42 -2.04 24.26
C GLY A 18 6.53 -1.22 23.34
N VAL A 19 7.19 -0.39 22.55
CA VAL A 19 6.53 0.49 21.59
C VAL A 19 6.61 -0.18 20.24
N VAL A 20 5.45 -0.39 19.63
CA VAL A 20 5.43 -0.97 18.30
C VAL A 20 5.74 0.09 17.26
N GLY A 21 5.08 1.25 17.37
CA GLY A 21 5.27 2.29 16.38
C GLY A 21 4.74 3.63 16.83
N GLU A 22 5.27 4.69 16.23
CA GLU A 22 4.81 6.05 16.50
C GLU A 22 4.87 6.91 15.23
N GLY A 23 3.76 7.59 14.96
CA GLY A 23 3.70 8.48 13.81
C GLY A 23 2.47 9.36 13.78
N ALA A 24 2.00 9.67 12.56
CA ALA A 24 0.76 10.40 12.37
C ALA A 24 -0.42 9.61 12.92
N TYR A 25 -0.40 8.28 12.74
CA TYR A 25 -1.40 7.43 13.36
C TYR A 25 -1.45 7.60 14.88
N GLY A 26 -0.34 7.96 15.53
CA GLY A 26 -0.37 8.12 16.96
C GLY A 26 0.72 7.32 17.63
N VAL A 27 0.36 6.47 18.60
CA VAL A 27 1.33 5.62 19.26
C VAL A 27 0.70 4.25 19.44
N VAL A 28 1.42 3.22 19.03
CA VAL A 28 1.05 1.82 19.17
C VAL A 28 2.04 1.15 20.12
N LEU A 29 1.51 0.56 21.19
CA LEU A 29 2.29 -0.14 22.22
C LEU A 29 2.11 -1.64 22.15
N LYS A 30 3.19 -2.37 22.38
CA LYS A 30 3.14 -3.81 22.45
C LYS A 30 2.86 -4.11 23.91
N CYS A 31 1.77 -4.83 24.15
CA CYS A 31 1.29 -5.03 25.50
C CYS A 31 0.89 -6.46 25.70
N ARG A 32 0.71 -6.78 26.98
CA ARG A 32 0.39 -8.13 27.39
C ARG A 32 -0.68 -8.12 28.46
N HIS A 33 -1.75 -8.89 28.23
CA HIS A 33 -2.78 -9.05 29.25
C HIS A 33 -2.19 -9.72 30.46
N LYS A 34 -2.39 -9.07 31.61
CA LYS A 34 -1.75 -9.54 32.83
C LYS A 34 -2.30 -10.90 33.17
N GLU A 35 -3.55 -11.18 32.78
CA GLU A 35 -4.18 -12.47 33.03
C GLU A 35 -3.94 -13.52 31.94
N THR A 36 -4.08 -13.16 30.68
CA THR A 36 -4.00 -14.16 29.62
C THR A 36 -2.61 -14.29 29.01
N HIS A 37 -1.74 -13.32 29.27
CA HIS A 37 -0.41 -13.20 28.68
C HIS A 37 -0.48 -13.03 27.18
N GLU A 38 -1.66 -12.75 26.63
CA GLU A 38 -1.77 -12.46 25.21
C GLU A 38 -1.08 -11.14 24.90
N ILE A 39 -0.33 -11.12 23.80
CA ILE A 39 0.33 -9.91 23.32
C ILE A 39 -0.60 -9.20 22.33
N VAL A 40 -0.77 -7.89 22.51
CA VAL A 40 -1.63 -7.07 21.69
C VAL A 40 -0.91 -5.78 21.32
N ALA A 41 -1.44 -5.08 20.33
CA ALA A 41 -0.99 -3.75 19.98
C ALA A 41 -2.07 -2.75 20.39
N ILE A 42 -1.75 -1.80 21.25
CA ILE A 42 -2.76 -0.86 21.71
C ILE A 42 -2.43 0.51 21.11
N LYS A 43 -3.36 1.06 20.32
CA LYS A 43 -3.34 2.35 19.64
C LYS A 43 -4.06 3.49 20.36
N LYS A 44 -3.33 4.56 20.65
CA LYS A 44 -3.80 5.79 21.29
C LYS A 44 -3.02 7.00 20.76
N PHE A 45 -3.63 8.20 20.78
CA PHE A 45 -2.95 9.39 20.26
C PHE A 45 -2.30 10.18 21.39
N LYS A 46 -1.53 11.19 20.98
CA LYS A 46 -0.79 12.10 21.88
C LYS A 46 0.52 11.43 22.27
N GLU A 56 -7.11 14.16 15.11
CA GLU A 56 -7.31 12.78 15.54
C GLU A 56 -8.31 12.10 14.62
N THR A 57 -8.31 10.76 14.63
CA THR A 57 -9.19 9.96 13.79
C THR A 57 -9.38 8.54 14.35
N THR A 58 -9.22 8.37 15.67
CA THR A 58 -9.41 7.06 16.30
C THR A 58 -10.81 6.48 16.06
N LEU A 59 -11.85 7.27 16.29
CA LEU A 59 -13.22 6.77 16.10
C LEU A 59 -13.51 6.39 14.64
N ARG A 60 -12.97 7.18 13.69
CA ARG A 60 -13.15 6.84 12.29
C ARG A 60 -12.53 5.48 12.01
N GLU A 61 -11.33 5.27 12.54
CA GLU A 61 -10.64 4.00 12.32
C GLU A 61 -11.41 2.86 12.93
N LEU A 62 -11.89 3.03 14.16
CA LEU A 62 -12.63 1.95 14.77
C LEU A 62 -13.88 1.59 13.96
N LYS A 63 -14.59 2.60 13.43
CA LYS A 63 -15.75 2.31 12.61
C LYS A 63 -15.36 1.51 11.38
N MET A 64 -14.30 1.93 10.71
CA MET A 64 -13.89 1.18 9.53
C MET A 64 -13.43 -0.22 9.86
N LEU A 65 -12.66 -0.37 10.94
CA LEU A 65 -12.20 -1.68 11.38
C LEU A 65 -13.37 -2.61 11.71
N ARG A 66 -14.44 -2.07 12.29
CA ARG A 66 -15.58 -2.95 12.53
C ARG A 66 -16.20 -3.36 11.20
N THR A 67 -16.40 -2.40 10.28
CA THR A 67 -16.88 -2.79 8.96
C THR A 67 -15.95 -3.79 8.27
N LEU A 68 -14.64 -3.53 8.33
CA LEU A 68 -13.65 -4.29 7.54
C LEU A 68 -13.08 -5.50 8.26
N LYS A 69 -13.70 -6.64 8.07
CA LYS A 69 -13.30 -7.82 8.78
C LYS A 69 -12.96 -8.84 7.71
N GLN A 70 -11.72 -9.30 7.69
CA GLN A 70 -11.25 -10.19 6.65
C GLN A 70 -9.88 -10.71 7.02
N GLU A 71 -9.54 -11.83 6.39
CA GLU A 71 -8.30 -12.51 6.71
C GLU A 71 -7.04 -11.72 6.38
N ASN A 72 -7.11 -10.80 5.44
CA ASN A 72 -5.99 -9.97 5.03
C ASN A 72 -6.08 -8.54 5.57
N ILE A 73 -6.92 -8.33 6.57
CA ILE A 73 -7.03 -7.06 7.27
C ILE A 73 -6.83 -7.33 8.75
N VAL A 74 -6.01 -6.50 9.38
CA VAL A 74 -5.63 -6.67 10.77
C VAL A 74 -6.87 -6.64 11.65
N GLU A 75 -6.92 -7.58 12.60
CA GLU A 75 -8.10 -7.69 13.45
C GLU A 75 -7.97 -6.73 14.60
N LEU A 76 -9.03 -5.93 14.77
CA LEU A 76 -9.24 -5.13 15.96
C LEU A 76 -9.94 -6.04 16.96
N LYS A 77 -9.39 -6.14 18.17
CA LYS A 77 -9.90 -7.09 19.15
C LYS A 77 -10.84 -6.44 20.14
N GLU A 78 -10.54 -5.21 20.58
CA GLU A 78 -11.50 -4.59 21.47
C GLU A 78 -11.14 -3.11 21.56
N ALA A 79 -12.08 -2.33 22.08
CA ALA A 79 -11.83 -0.93 22.37
C ALA A 79 -12.23 -0.58 23.79
N PHE A 80 -11.46 0.33 24.38
CA PHE A 80 -11.88 0.89 25.65
C PHE A 80 -11.47 2.35 25.75
N ARG A 81 -11.96 3.00 26.80
CA ARG A 81 -11.67 4.40 27.14
C ARG A 81 -10.80 5.17 26.15
N LEU A 86 -9.91 7.35 23.66
CA LEU A 86 -10.28 6.03 23.12
C LEU A 86 -8.95 5.34 22.68
N TYR A 87 -8.84 4.10 23.16
CA TYR A 87 -7.81 3.12 22.84
C TYR A 87 -8.35 1.92 22.10
N LEU A 88 -7.62 1.53 21.06
CA LEU A 88 -7.92 0.35 20.25
C LEU A 88 -6.88 -0.75 20.48
N VAL A 89 -7.34 -1.94 20.84
CA VAL A 89 -6.51 -3.12 21.10
C VAL A 89 -6.60 -4.03 19.89
N PHE A 90 -5.47 -4.27 19.23
CA PHE A 90 -5.41 -5.15 18.08
C PHE A 90 -4.63 -6.42 18.40
N GLU A 91 -4.93 -7.47 17.63
CA GLU A 91 -3.98 -8.56 17.44
C GLU A 91 -2.59 -7.96 17.23
N TYR A 92 -1.57 -8.59 17.80
CA TYR A 92 -0.20 -8.19 17.57
C TYR A 92 0.33 -9.14 16.50
N VAL A 93 0.98 -8.59 15.47
CA VAL A 93 1.52 -9.42 14.40
C VAL A 93 3.03 -9.30 14.32
N GLU A 94 3.63 -10.46 14.09
CA GLU A 94 5.04 -10.68 14.34
C GLU A 94 5.97 -9.91 13.40
N LYS A 95 5.53 -9.59 12.17
CA LYS A 95 6.42 -8.90 11.24
C LYS A 95 5.61 -8.11 10.24
N ASN A 96 6.29 -7.18 9.56
CA ASN A 96 5.80 -6.52 8.34
C ASN A 96 6.67 -6.80 7.12
N MET A 97 6.18 -6.34 5.97
CA MET A 97 6.85 -6.58 4.70
C MET A 97 8.16 -5.83 4.64
N LEU A 98 8.22 -4.67 5.28
CA LEU A 98 9.44 -3.88 5.33
C LEU A 98 10.59 -4.71 5.92
N GLU A 99 10.31 -5.43 7.00
CA GLU A 99 11.33 -6.28 7.59
C GLU A 99 11.67 -7.44 6.67
N LEU A 100 10.67 -8.01 6.02
CA LEU A 100 10.92 -9.07 5.03
C LEU A 100 11.84 -8.63 3.91
N LEU A 101 11.66 -7.41 3.40
CA LEU A 101 12.54 -6.95 2.35
C LEU A 101 13.91 -6.63 2.91
N GLU A 102 14.00 -6.24 4.20
CA GLU A 102 15.33 -6.10 4.78
C GLU A 102 16.06 -7.43 4.92
N GLU A 103 15.37 -8.50 5.31
CA GLU A 103 15.99 -9.82 5.42
C GLU A 103 16.31 -10.43 4.06
N MET A 104 15.57 -10.05 3.02
CA MET A 104 15.71 -10.60 1.68
C MET A 104 15.83 -9.44 0.69
N PRO A 105 16.97 -8.77 0.68
CA PRO A 105 17.10 -7.48 -0.03
C PRO A 105 17.10 -7.59 -1.55
N ASN A 106 17.14 -8.79 -2.11
CA ASN A 106 17.04 -9.03 -3.54
C ASN A 106 15.69 -9.60 -3.95
N GLY A 107 14.70 -9.52 -3.07
CA GLY A 107 13.37 -9.97 -3.40
C GLY A 107 13.05 -11.29 -2.74
N VAL A 108 11.80 -11.64 -2.78
CA VAL A 108 11.38 -12.93 -2.26
C VAL A 108 11.10 -13.88 -3.41
N PRO A 109 10.92 -15.18 -3.14
CA PRO A 109 10.71 -16.12 -4.24
C PRO A 109 9.46 -15.77 -5.02
N PRO A 110 9.47 -16.07 -6.36
CA PRO A 110 8.37 -15.66 -7.20
C PRO A 110 7.05 -16.15 -6.66
N GLU A 111 7.04 -17.37 -6.10
CA GLU A 111 5.85 -17.92 -5.44
C GLU A 111 5.39 -17.03 -4.30
N LYS A 112 6.32 -16.54 -3.50
CA LYS A 112 5.94 -15.68 -2.39
C LYS A 112 5.48 -14.30 -2.89
N VAL A 113 6.09 -13.79 -3.95
CA VAL A 113 5.62 -12.53 -4.54
C VAL A 113 4.16 -12.65 -4.92
N LYS A 114 3.83 -13.70 -5.67
CA LYS A 114 2.44 -13.89 -6.07
C LYS A 114 1.54 -14.11 -4.86
N SER A 115 1.98 -14.91 -3.89
CA SER A 115 1.11 -15.18 -2.75
C SER A 115 0.77 -13.90 -1.98
N TYR A 116 1.78 -13.07 -1.68
CA TYR A 116 1.55 -11.82 -0.95
C TYR A 116 0.73 -10.82 -1.75
N ILE A 117 0.99 -10.67 -3.05
CA ILE A 117 0.18 -9.72 -3.82
C ILE A 117 -1.27 -10.17 -3.93
N TYR A 118 -1.50 -11.49 -4.10
CA TYR A 118 -2.86 -12.01 -4.07
C TYR A 118 -3.56 -11.62 -2.76
N GLN A 119 -2.89 -11.85 -1.63
CA GLN A 119 -3.52 -11.60 -0.32
C GLN A 119 -3.77 -10.11 -0.14
N LEU A 120 -2.84 -9.28 -0.60
CA LEU A 120 -3.01 -7.84 -0.49
C LEU A 120 -4.20 -7.39 -1.31
N ILE A 121 -4.32 -7.91 -2.53
CA ILE A 121 -5.43 -7.60 -3.43
C ILE A 121 -6.75 -8.01 -2.80
N LYS A 122 -6.78 -9.16 -2.13
CA LYS A 122 -8.01 -9.56 -1.45
C LYS A 122 -8.38 -8.55 -0.35
N ALA A 123 -7.38 -8.04 0.38
CA ALA A 123 -7.70 -7.09 1.46
C ALA A 123 -8.21 -5.77 0.91
N ILE A 124 -7.56 -5.30 -0.14
CA ILE A 124 -8.04 -4.07 -0.79
C ILE A 124 -9.43 -4.30 -1.42
N HIS A 125 -9.66 -5.48 -1.99
CA HIS A 125 -10.98 -5.75 -2.54
C HIS A 125 -12.08 -5.61 -1.49
N TRP A 126 -11.85 -6.14 -0.29
CA TRP A 126 -12.85 -5.99 0.78
C TRP A 126 -12.99 -4.52 1.18
N CYS A 127 -11.87 -3.81 1.26
CA CYS A 127 -11.99 -2.39 1.55
C CYS A 127 -12.86 -1.70 0.51
N HIS A 128 -12.51 -1.86 -0.78
CA HIS A 128 -13.24 -1.20 -1.87
C HIS A 128 -14.72 -1.61 -1.97
N LYS A 129 -15.02 -2.88 -1.72
CA LYS A 129 -16.42 -3.30 -1.71
C LYS A 129 -17.19 -2.62 -0.58
N ASN A 130 -16.51 -2.27 0.51
CA ASN A 130 -17.15 -1.49 1.56
C ASN A 130 -17.02 0.02 1.39
N ASP A 131 -16.63 0.47 0.19
CA ASP A 131 -16.54 1.89 -0.14
C ASP A 131 -15.43 2.60 0.62
N ILE A 132 -14.45 1.83 1.07
CA ILE A 132 -13.32 2.36 1.80
C ILE A 132 -12.07 2.28 0.93
N VAL A 133 -11.39 3.42 0.77
CA VAL A 133 -10.07 3.46 0.17
C VAL A 133 -9.03 3.63 1.28
N HIS A 134 -7.95 2.84 1.22
CA HIS A 134 -6.97 2.77 2.31
C HIS A 134 -6.06 4.00 2.36
N ARG A 135 -5.53 4.42 1.22
CA ARG A 135 -4.76 5.65 1.07
C ARG A 135 -3.34 5.60 1.60
N ASP A 136 -2.93 4.51 2.22
CA ASP A 136 -1.57 4.50 2.73
C ASP A 136 -0.94 3.13 2.54
N ILE A 137 -1.18 2.49 1.39
CA ILE A 137 -0.59 1.17 1.20
C ILE A 137 0.91 1.31 1.01
N LYS A 138 1.69 0.61 1.84
CA LYS A 138 3.15 0.58 1.75
C LYS A 138 3.68 -0.63 2.52
N PRO A 139 4.92 -1.03 2.29
CA PRO A 139 5.42 -2.23 2.97
C PRO A 139 5.27 -2.12 4.47
N GLU A 140 5.44 -0.91 5.02
CA GLU A 140 5.32 -0.74 6.46
C GLU A 140 3.96 -1.18 7.01
N ASN A 141 2.87 -1.07 6.24
CA ASN A 141 1.57 -1.47 6.77
C ASN A 141 1.08 -2.81 6.23
N LEU A 142 1.99 -3.60 5.69
CA LEU A 142 1.68 -4.96 5.34
C LEU A 142 2.32 -5.87 6.38
N LEU A 143 1.49 -6.37 7.29
CA LEU A 143 1.91 -7.28 8.34
C LEU A 143 1.92 -8.70 7.77
N ILE A 144 2.92 -9.51 8.13
CA ILE A 144 3.00 -10.85 7.68
C ILE A 144 3.09 -11.73 8.92
N SER A 145 2.05 -12.53 9.15
CA SER A 145 1.96 -13.30 10.35
C SER A 145 2.96 -14.42 10.31
N HIS A 146 3.02 -15.11 11.44
CA HIS A 146 3.85 -16.28 11.61
C HIS A 146 3.43 -17.40 10.66
N ASN A 147 2.15 -17.48 10.32
CA ASN A 147 1.71 -18.38 9.29
C ASN A 147 1.81 -17.78 7.88
N ASP A 148 2.57 -16.69 7.70
CA ASP A 148 2.76 -16.06 6.39
C ASP A 148 1.48 -15.45 5.82
N VAL A 149 0.54 -15.08 6.68
CA VAL A 149 -0.70 -14.43 6.27
C VAL A 149 -0.52 -12.92 6.29
N LEU A 150 -0.74 -12.29 5.16
CA LEU A 150 -0.54 -10.85 5.07
C LEU A 150 -1.79 -10.13 5.58
N LYS A 151 -1.56 -9.07 6.34
CA LYS A 151 -2.66 -8.31 6.88
C LYS A 151 -2.36 -6.85 6.71
N LEU A 152 -3.40 -6.12 6.36
CA LEU A 152 -3.26 -4.72 6.07
C LEU A 152 -3.54 -4.03 7.38
N CYS A 153 -2.87 -2.92 7.63
CA CYS A 153 -3.21 -2.13 8.81
C CYS A 153 -3.04 -0.63 8.62
N ASP A 154 -3.33 0.08 9.70
CA ASP A 154 -3.17 1.53 9.79
C ASP A 154 -4.20 2.24 8.93
N PHE A 155 -5.47 2.15 9.33
CA PHE A 155 -6.58 2.75 8.60
C PHE A 155 -6.82 4.17 9.08
N GLY A 156 -5.81 4.79 9.67
CA GLY A 156 -5.88 6.13 10.23
C GLY A 156 -6.01 7.21 9.18
N PHE A 157 -5.77 6.86 7.92
CA PHE A 157 -5.94 7.74 6.77
C PHE A 157 -6.95 7.19 5.77
N ALA A 158 -7.51 6.00 6.00
CA ALA A 158 -8.56 5.47 5.14
C ALA A 158 -9.76 6.42 5.12
N ARG A 159 -10.49 6.39 4.01
CA ARG A 159 -11.71 7.18 3.82
C ARG A 159 -12.82 6.34 3.22
N ASN A 160 -14.04 6.66 3.66
CA ASN A 160 -15.24 6.17 3.03
C ASN A 160 -15.65 7.16 1.94
N LEU A 161 -15.84 6.65 0.73
CA LEU A 161 -16.16 7.55 -0.38
C LEU A 161 -17.54 8.19 -0.24
N SER A 162 -18.43 7.64 0.57
CA SER A 162 -19.76 8.25 0.72
C SER A 162 -19.78 9.45 1.67
N GLU A 163 -18.64 9.84 2.23
CA GLU A 163 -18.57 10.93 3.18
C GLU A 163 -17.76 12.11 2.61
N GLY A 164 -16.92 12.73 3.45
CA GLY A 164 -16.07 13.83 3.00
C GLY A 164 -14.59 13.58 3.25
N ASN A 165 -13.75 14.61 3.15
CA ASN A 165 -12.29 14.51 3.39
C ASN A 165 -11.53 13.93 2.18
N TYR A 169 -6.11 13.29 5.97
CA TYR A 169 -4.79 12.87 6.46
C TYR A 169 -3.82 12.39 5.34
N ASP A 170 -2.56 12.09 5.69
CA ASP A 170 -1.56 11.68 4.70
C ASP A 170 -0.23 11.31 5.38
N GLU A 171 0.89 11.24 4.64
CA GLU A 171 2.11 10.78 5.29
C GLU A 171 3.45 11.42 4.85
N GLU A 172 4.50 10.59 4.74
CA GLU A 172 5.91 10.96 4.60
C GLU A 172 6.46 10.61 3.22
N VAL A 173 7.80 10.52 3.12
CA VAL A 173 8.48 10.32 1.84
C VAL A 173 8.27 8.89 1.32
N ALA A 174 8.61 7.89 2.13
CA ALA A 174 8.32 6.51 1.71
C ALA A 174 6.89 6.34 1.25
N THR A 175 5.98 7.15 1.75
CA THR A 175 4.59 7.04 1.36
C THR A 175 4.30 7.78 0.07
N ARG A 176 5.27 8.48 -0.53
CA ARG A 176 4.93 8.91 -1.88
C ARG A 176 5.50 7.98 -2.92
N TRP A 177 6.34 7.04 -2.51
CA TRP A 177 6.96 6.14 -3.46
C TRP A 177 5.90 5.26 -4.09
N TYR A 178 4.75 5.11 -3.43
CA TYR A 178 3.65 4.23 -3.81
C TYR A 178 2.46 5.01 -4.36
N ARG A 179 2.64 6.27 -4.63
CA ARG A 179 1.58 7.18 -5.04
C ARG A 179 1.55 7.24 -6.56
N SER A 180 0.34 7.22 -7.13
CA SER A 180 0.18 7.30 -8.57
C SER A 180 0.58 8.69 -9.06
N PRO A 181 1.00 8.81 -10.33
CA PRO A 181 1.42 10.13 -10.85
C PRO A 181 0.32 11.18 -10.80
N GLU A 182 -0.93 10.79 -11.03
CA GLU A 182 -2.01 11.77 -10.99
C GLU A 182 -2.18 12.29 -9.57
N LEU A 183 -1.94 11.43 -8.56
CA LEU A 183 -1.94 11.91 -7.19
C LEU A 183 -0.76 12.83 -6.89
N LEU A 184 0.43 12.51 -7.41
CA LEU A 184 1.56 13.42 -7.24
C LEU A 184 1.21 14.79 -7.82
N LEU A 185 0.41 14.80 -8.87
CA LEU A 185 -0.04 15.95 -9.64
C LEU A 185 -1.26 16.60 -9.02
N GLY A 186 -1.77 16.02 -7.94
CA GLY A 186 -2.89 16.55 -7.20
C GLY A 186 -4.29 16.09 -7.54
N ALA A 187 -4.46 14.93 -8.19
CA ALA A 187 -5.81 14.51 -8.54
C ALA A 187 -6.45 14.01 -7.23
N PRO A 188 -7.78 13.92 -7.16
CA PRO A 188 -8.42 13.22 -6.03
C PRO A 188 -8.08 11.74 -5.88
N TYR A 189 -8.17 11.25 -4.64
CA TYR A 189 -7.73 9.90 -4.31
C TYR A 189 -8.85 8.90 -4.62
N GLY A 190 -8.62 7.87 -5.48
CA GLY A 190 -9.68 6.87 -5.47
C GLY A 190 -9.26 5.41 -5.56
N LYS A 191 -10.12 4.49 -6.03
CA LYS A 191 -9.70 3.10 -6.01
C LYS A 191 -8.49 2.85 -6.90
N SER A 192 -8.35 3.66 -7.94
CA SER A 192 -7.25 3.50 -8.88
C SER A 192 -5.91 3.64 -8.20
N VAL A 193 -5.77 4.60 -7.31
CA VAL A 193 -4.43 4.82 -6.80
C VAL A 193 -4.10 3.75 -5.77
N ASP A 194 -5.09 3.16 -5.13
CA ASP A 194 -4.70 2.03 -4.32
C ASP A 194 -4.17 0.92 -5.22
N MET A 195 -4.71 0.80 -6.45
CA MET A 195 -4.22 -0.24 -7.34
C MET A 195 -2.81 0.06 -7.80
N TRP A 196 -2.52 1.35 -8.00
CA TRP A 196 -1.16 1.78 -8.29
C TRP A 196 -0.19 1.32 -7.21
N SER A 197 -0.51 1.59 -5.95
CA SER A 197 0.38 1.16 -4.87
C SER A 197 0.62 -0.34 -4.90
N VAL A 198 -0.44 -1.12 -5.14
CA VAL A 198 -0.27 -2.57 -5.26
C VAL A 198 0.80 -2.90 -6.29
N GLY A 199 0.75 -2.25 -7.46
CA GLY A 199 1.77 -2.54 -8.47
C GLY A 199 3.19 -2.19 -8.01
N CYS A 200 3.33 -1.06 -7.33
CA CYS A 200 4.66 -0.68 -6.84
C CYS A 200 5.18 -1.76 -5.89
N ILE A 201 4.29 -2.30 -5.07
CA ILE A 201 4.70 -3.29 -4.09
C ILE A 201 5.00 -4.62 -4.77
N LEU A 202 4.23 -4.95 -5.80
CA LEU A 202 4.54 -6.12 -6.63
C LEU A 202 6.00 -6.09 -7.12
N GLY A 203 6.39 -4.96 -7.69
CA GLY A 203 7.75 -4.83 -8.20
C GLY A 203 8.78 -4.97 -7.09
N GLU A 204 8.54 -4.24 -5.98
CA GLU A 204 9.53 -4.22 -4.91
C GLU A 204 9.64 -5.60 -4.25
N LEU A 205 8.52 -6.34 -4.16
CA LEU A 205 8.62 -7.71 -3.66
C LEU A 205 9.44 -8.57 -4.60
N SER A 206 9.44 -8.25 -5.89
CA SER A 206 10.09 -9.17 -6.81
C SER A 206 11.61 -8.96 -6.81
N ASP A 207 12.08 -7.73 -6.64
CA ASP A 207 13.53 -7.54 -6.62
C ASP A 207 14.09 -6.81 -5.38
N GLY A 208 13.27 -6.50 -4.36
CA GLY A 208 13.74 -5.81 -3.17
C GLY A 208 13.94 -4.30 -3.29
N GLN A 209 13.74 -3.73 -4.44
CA GLN A 209 14.04 -2.34 -4.75
C GLN A 209 12.78 -1.51 -4.85
N PRO A 210 12.76 -0.32 -4.26
CA PRO A 210 11.63 0.58 -4.50
C PRO A 210 11.58 0.89 -5.99
N LEU A 211 10.38 0.81 -6.59
CA LEU A 211 10.29 0.93 -8.03
C LEU A 211 10.44 2.39 -8.48
N PHE A 212 9.82 3.34 -7.78
CA PHE A 212 9.86 4.75 -8.16
C PHE A 212 10.35 5.58 -6.97
N PRO A 213 11.63 5.47 -6.65
CA PRO A 213 12.20 6.14 -5.47
C PRO A 213 12.62 7.58 -5.70
N GLY A 214 11.66 8.48 -5.80
CA GLY A 214 12.02 9.86 -5.99
C GLY A 214 12.60 10.45 -4.71
N GLU A 215 13.42 11.46 -4.86
CA GLU A 215 14.04 12.11 -3.70
C GLU A 215 13.21 13.32 -3.35
N SER A 216 12.25 13.62 -4.20
CA SER A 216 11.32 14.73 -4.13
C SER A 216 10.22 14.34 -5.10
N GLU A 217 9.16 15.13 -5.13
CA GLU A 217 8.05 14.82 -6.03
C GLU A 217 8.51 14.77 -7.49
N ILE A 218 9.24 15.79 -7.90
CA ILE A 218 9.72 15.87 -9.27
C ILE A 218 10.61 14.67 -9.62
N ASP A 219 11.52 14.28 -8.74
CA ASP A 219 12.34 13.13 -9.14
C ASP A 219 11.49 11.87 -9.23
N GLN A 220 10.37 11.80 -8.50
CA GLN A 220 9.45 10.68 -8.61
C GLN A 220 8.77 10.62 -9.98
N LEU A 221 8.30 11.77 -10.47
CA LEU A 221 7.75 11.82 -11.82
C LEU A 221 8.79 11.45 -12.87
N PHE A 222 10.02 11.89 -12.70
CA PHE A 222 11.06 11.42 -13.61
C PHE A 222 11.15 9.90 -13.58
N THR A 223 11.23 9.29 -12.38
CA THR A 223 11.46 7.85 -12.32
C THR A 223 10.31 7.09 -12.92
N ILE A 224 9.11 7.60 -12.69
CA ILE A 224 7.93 7.00 -13.28
C ILE A 224 8.00 7.05 -14.80
N GLN A 225 8.25 8.22 -15.37
CA GLN A 225 8.35 8.20 -16.81
C GLN A 225 9.56 7.42 -17.34
N LYS A 226 10.64 7.38 -16.60
CA LYS A 226 11.79 6.62 -17.05
C LYS A 226 11.43 5.16 -17.22
N VAL A 227 10.45 4.67 -16.44
CA VAL A 227 10.00 3.29 -16.66
C VAL A 227 8.81 3.21 -17.63
N LEU A 228 7.77 4.03 -17.46
CA LEU A 228 6.49 3.83 -18.13
C LEU A 228 6.25 4.79 -19.29
N GLY A 229 7.17 5.71 -19.52
CA GLY A 229 7.07 6.70 -20.57
C GLY A 229 6.34 7.95 -20.10
N PRO A 230 6.14 8.91 -21.01
CA PRO A 230 5.58 10.22 -20.65
C PRO A 230 4.19 10.12 -20.06
N LEU A 231 3.91 10.99 -19.07
CA LEU A 231 2.56 11.03 -18.54
C LEU A 231 1.58 11.47 -19.62
N PRO A 232 0.34 11.02 -19.52
CA PRO A 232 -0.67 11.45 -20.50
C PRO A 232 -0.81 12.95 -20.43
N SER A 233 -1.25 13.52 -21.55
CA SER A 233 -1.40 14.96 -21.70
C SER A 233 -2.03 15.59 -20.46
N GLU A 234 -3.12 15.01 -19.96
CA GLU A 234 -3.83 15.61 -18.83
C GLU A 234 -2.98 15.68 -17.57
N GLN A 235 -2.11 14.69 -17.32
CA GLN A 235 -1.30 14.81 -16.11
C GLN A 235 -0.27 15.93 -16.25
N MET A 236 0.35 16.05 -17.43
CA MET A 236 1.30 17.13 -17.68
C MET A 236 0.62 18.50 -17.51
N LYS A 237 -0.62 18.60 -18.00
CA LYS A 237 -1.40 19.83 -17.85
C LYS A 237 -1.57 20.16 -16.37
N LEU A 238 -1.84 19.14 -15.54
CA LEU A 238 -1.95 19.39 -14.11
C LEU A 238 -0.61 19.88 -13.55
N PHE A 239 0.50 19.36 -14.12
CA PHE A 239 1.85 19.80 -13.76
C PHE A 239 2.05 21.30 -13.96
N TYR A 240 1.45 21.86 -15.01
CA TYR A 240 1.62 23.31 -15.24
C TYR A 240 0.56 24.14 -14.52
N SER A 241 -0.59 23.56 -14.18
CA SER A 241 -1.65 24.25 -13.45
C SER A 241 -1.42 24.20 -11.93
N ASN A 242 -0.64 23.24 -11.45
CA ASN A 242 -0.38 23.07 -10.01
C ASN A 242 0.75 23.96 -9.50
N PRO A 243 0.46 24.94 -8.64
CA PRO A 243 1.50 25.88 -8.18
C PRO A 243 2.59 25.22 -7.38
N ARG A 244 2.40 23.98 -6.94
CA ARG A 244 3.51 23.27 -6.33
C ARG A 244 4.71 23.25 -7.25
N PHE A 245 4.47 23.20 -8.56
CA PHE A 245 5.53 23.10 -9.53
C PHE A 245 5.81 24.41 -10.27
N HIS A 246 5.37 25.56 -9.73
CA HIS A 246 5.49 26.85 -10.42
C HIS A 246 6.94 27.12 -10.82
N GLY A 247 7.15 27.41 -12.09
CA GLY A 247 8.50 27.72 -12.53
C GLY A 247 9.46 26.56 -12.55
N LEU A 248 9.02 25.36 -12.16
CA LEU A 248 9.90 24.19 -12.09
C LEU A 248 10.06 23.51 -13.44
N ARG A 249 11.17 22.79 -13.59
CA ARG A 249 11.48 22.06 -14.82
C ARG A 249 10.74 20.73 -14.81
N PHE A 250 9.93 20.47 -15.83
CA PHE A 250 9.30 19.16 -16.02
C PHE A 250 10.33 18.08 -16.33
N PRO A 251 10.32 16.91 -15.61
CA PRO A 251 11.35 15.88 -15.83
C PRO A 251 11.08 15.02 -17.07
N ALA A 252 11.42 15.57 -18.24
CA ALA A 252 11.26 14.85 -19.50
C ALA A 252 12.26 13.71 -19.58
N VAL A 253 11.81 12.51 -19.87
CA VAL A 253 12.71 11.38 -20.10
C VAL A 253 12.55 10.93 -21.53
N ASN A 254 13.67 10.94 -22.27
CA ASN A 254 13.67 10.65 -23.70
C ASN A 254 13.34 9.19 -23.98
N HIS A 255 14.11 8.28 -23.41
CA HIS A 255 14.03 6.84 -23.67
C HIS A 255 13.55 6.00 -22.50
N PRO A 256 12.26 5.73 -22.43
CA PRO A 256 11.73 4.95 -21.31
C PRO A 256 12.25 3.53 -21.43
N GLN A 257 12.37 2.87 -20.28
CA GLN A 257 13.01 1.57 -20.21
C GLN A 257 12.02 0.42 -20.47
N SER A 258 10.79 0.53 -19.95
CA SER A 258 9.77 -0.51 -19.97
C SER A 258 9.89 -1.52 -18.84
N LEU A 259 8.73 -1.95 -18.32
CA LEU A 259 8.66 -2.94 -17.24
C LEU A 259 9.11 -4.31 -17.69
N GLU A 260 8.80 -4.68 -18.94
CA GLU A 260 9.28 -5.95 -19.49
C GLU A 260 10.79 -6.01 -19.39
N ARG A 261 11.44 -4.93 -19.79
CA ARG A 261 12.88 -4.79 -19.65
C ARG A 261 13.25 -4.62 -18.18
N ARG A 262 12.47 -3.83 -17.44
CA ARG A 262 12.83 -3.57 -16.04
C ARG A 262 12.88 -4.85 -15.21
N TYR A 263 11.97 -5.79 -15.48
CA TYR A 263 11.78 -7.04 -14.75
C TYR A 263 12.11 -8.30 -15.56
N LEU A 264 12.75 -8.18 -16.71
CA LEU A 264 13.17 -9.39 -17.44
C LEU A 264 14.04 -10.32 -16.59
N GLY A 265 13.66 -11.60 -16.54
CA GLY A 265 14.39 -12.52 -15.70
C GLY A 265 14.04 -12.41 -14.23
N ILE A 266 13.05 -11.59 -13.88
CA ILE A 266 12.65 -11.45 -12.49
C ILE A 266 11.22 -11.89 -12.20
N LEU A 267 10.25 -11.34 -12.92
CA LEU A 267 8.84 -11.68 -12.80
C LEU A 267 8.55 -12.71 -13.87
N ASN A 268 7.75 -13.76 -13.57
CA ASN A 268 7.34 -14.47 -14.76
C ASN A 268 6.40 -13.58 -15.55
N SER A 269 6.18 -13.98 -16.81
CA SER A 269 5.46 -13.12 -17.74
C SER A 269 3.97 -12.90 -17.42
N VAL A 270 3.30 -13.86 -16.78
CA VAL A 270 1.87 -13.67 -16.52
C VAL A 270 1.65 -12.62 -15.44
N LEU A 271 2.42 -12.74 -14.37
CA LEU A 271 2.40 -11.76 -13.29
C LEU A 271 2.91 -10.43 -13.81
N LEU A 272 3.87 -10.45 -14.72
CA LEU A 272 4.31 -9.20 -15.32
C LEU A 272 3.11 -8.52 -15.99
N ASP A 273 2.26 -9.31 -16.68
CA ASP A 273 1.04 -8.75 -17.29
C ASP A 273 0.15 -8.07 -16.24
N LEU A 274 -0.09 -8.78 -15.13
CA LEU A 274 -0.86 -8.15 -14.05
C LEU A 274 -0.22 -6.84 -13.60
N MET A 275 1.11 -6.81 -13.50
CA MET A 275 1.71 -5.58 -13.02
C MET A 275 1.57 -4.49 -14.08
N LYS A 276 1.60 -4.86 -15.35
CA LYS A 276 1.39 -3.90 -16.43
C LYS A 276 0.02 -3.25 -16.36
N ASN A 277 -0.98 -3.98 -15.89
CA ASN A 277 -2.32 -3.40 -15.80
C ASN A 277 -2.63 -2.74 -14.46
N LEU A 278 -1.77 -2.92 -13.45
CA LEU A 278 -1.88 -2.10 -12.25
C LEU A 278 -1.21 -0.76 -12.42
N LEU A 279 -0.15 -0.70 -13.24
CA LEU A 279 0.66 0.50 -13.39
C LEU A 279 0.38 1.26 -14.68
N LYS A 280 -0.87 1.24 -15.15
CA LYS A 280 -1.25 2.15 -16.22
C LYS A 280 -1.21 3.59 -15.71
N LEU A 281 -0.60 4.48 -16.48
CA LEU A 281 -0.44 5.86 -16.04
C LEU A 281 -1.80 6.55 -15.97
N ASP A 282 -2.66 6.29 -16.93
CA ASP A 282 -4.00 6.84 -16.91
C ASP A 282 -4.84 5.99 -15.98
N PRO A 283 -5.36 6.54 -14.89
CA PRO A 283 -6.08 5.71 -13.89
C PRO A 283 -7.26 4.96 -14.47
N ALA A 284 -7.83 5.50 -15.52
CA ALA A 284 -8.91 4.83 -16.23
C ALA A 284 -8.51 3.50 -16.86
N ASP A 285 -7.21 3.26 -17.12
CA ASP A 285 -6.80 1.97 -17.68
C ASP A 285 -6.43 0.93 -16.65
N ARG A 286 -6.36 1.29 -15.37
CA ARG A 286 -5.92 0.35 -14.34
C ARG A 286 -6.99 -0.67 -14.00
N TYR A 287 -6.56 -1.92 -13.81
CA TYR A 287 -7.44 -2.93 -13.24
C TYR A 287 -7.81 -2.57 -11.81
N LEU A 288 -9.09 -2.69 -11.50
CA LEU A 288 -9.57 -2.64 -10.12
C LEU A 288 -9.62 -4.07 -9.59
N THR A 289 -10.11 -4.23 -8.36
CA THR A 289 -9.89 -5.45 -7.59
C THR A 289 -10.49 -6.68 -8.26
N GLU A 290 -11.70 -6.53 -8.79
CA GLU A 290 -12.40 -7.66 -9.37
C GLU A 290 -11.58 -8.19 -10.53
N GLN A 291 -11.03 -7.28 -11.36
CA GLN A 291 -10.21 -7.70 -12.48
C GLN A 291 -8.90 -8.31 -12.04
N CYS A 292 -8.25 -7.72 -11.05
CA CYS A 292 -7.04 -8.31 -10.50
C CYS A 292 -7.23 -9.73 -10.00
N LEU A 293 -8.29 -9.98 -9.24
CA LEU A 293 -8.47 -11.31 -8.69
C LEU A 293 -8.86 -12.34 -9.74
N ASN A 294 -9.30 -11.88 -10.91
CA ASN A 294 -9.61 -12.72 -12.06
C ASN A 294 -8.43 -12.87 -13.01
N HIS A 295 -7.27 -12.33 -12.68
CA HIS A 295 -6.20 -12.43 -13.64
C HIS A 295 -5.66 -13.87 -13.67
N PRO A 296 -5.20 -14.32 -14.85
CA PRO A 296 -4.60 -15.68 -14.96
C PRO A 296 -3.51 -16.03 -13.98
N THR A 297 -2.72 -15.04 -13.57
CA THR A 297 -1.67 -15.25 -12.58
C THR A 297 -2.17 -16.00 -11.35
N PHE A 298 -3.37 -15.67 -10.89
CA PHE A 298 -3.88 -16.23 -9.63
C PHE A 298 -4.86 -17.32 -9.91
N GLN A 299 -4.63 -18.17 -10.92
CA GLN A 299 -5.72 -19.11 -11.16
C GLN A 299 -5.56 -20.32 -10.29
N THR A 300 -4.37 -20.88 -10.27
CA THR A 300 -4.16 -21.98 -9.36
C THR A 300 -4.01 -21.46 -7.93
N GLN A 301 -3.53 -20.23 -7.77
CA GLN A 301 -3.36 -19.62 -6.46
C GLN A 301 -4.63 -19.32 -5.67
N ARG A 302 -5.69 -18.83 -6.27
CA ARG A 302 -6.88 -18.75 -5.43
C ARG A 302 -7.29 -19.96 -4.57
N LEU A 303 -6.92 -21.18 -4.95
CA LEU A 303 -7.53 -22.38 -4.38
C LEU A 303 -7.05 -22.63 -2.96
N LEU A 304 -5.82 -22.25 -2.63
CA LEU A 304 -5.18 -22.80 -1.44
C LEU A 304 -5.79 -22.31 -0.11
C1 A1H6P B . 2.89 1.37 13.07
C2 A1H6P B . 1.90 0.74 12.10
N3 A1H6P B . 2.68 -5.47 14.01
C4 A1H6P B . 0.56 0.66 12.75
C5 A1H6P B . -0.49 1.48 12.81
C6 A1H6P B . -0.99 -0.21 14.00
C15 A1H6P B . 7.20 -6.44 13.71
C10 A1H6P B . 1.49 -4.97 14.47
C11 A1H6P B . 3.68 -4.74 13.47
C12 A1H6P B . 4.98 -5.42 13.83
C13 A1H6P B . 5.84 -4.34 14.54
C14 A1H6P B . 7.07 -4.04 13.68
C16 A1H6P B . 5.91 -6.19 12.92
C3 A1H6P B . 2.40 -0.63 11.64
C7 A1H6P B . -1.55 -1.21 14.95
C8 A1H6P B . -0.55 -3.86 14.63
C9 A1H6P B . -0.62 -5.14 15.08
N1 A1H6P B . -1.47 0.91 13.58
N2 A1H6P B . 0.59 -5.78 14.96
N4 A1H6P B . 7.98 -5.20 13.75
O1 A1H6P B . 3.59 -3.61 13.01
O2 A1H6P B . 0.28 -0.42 13.54
S1 A1H6P B . -1.92 -2.86 14.27
S2 A1H6P B . 1.07 -3.29 14.39
H2 A1H6P B . 3.71 1.61 12.59
H3 A1H6P B . 3.09 0.75 13.79
H1 A1H6P B . 2.50 2.18 13.45
H4 A1H6P B . 1.82 1.29 11.28
H12 A1H6P B . 2.80 -6.32 14.10
H8 A1H6P B . -0.57 2.32 12.38
H19 A1H6P B . 6.97 -6.73 14.64
H20 A1H6P B . 7.73 -7.16 13.28
H13 A1H6P B . 4.60 -6.18 14.33
H14 A1H6P B . 6.13 -4.66 15.41
H15 A1H6P B . 5.33 -3.52 14.67
H16 A1H6P B . 7.54 -3.22 14.01
H17 A1H6P B . 6.80 -3.88 12.73
H21 A1H6P B . 5.51 -7.03 12.65
H22 A1H6P B . 6.11 -5.69 12.11
H6 A1H6P B . 2.49 -1.21 12.42
H7 A1H6P B . 3.27 -0.52 11.22
H5 A1H6P B . 1.78 -1.01 11.01
H9 A1H6P B . -2.37 -0.85 15.32
H10 A1H6P B . -0.92 -1.33 15.67
H11 A1H6P B . -1.41 -5.53 15.42
H18 A1H6P B . 8.43 -5.16 14.51
S SO4 C . -2.67 -15.65 11.80
O1 SO4 C . -4.14 -15.75 11.80
O2 SO4 C . -2.09 -16.19 10.57
O3 SO4 C . -2.30 -14.24 12.02
O4 SO4 C . -2.12 -16.44 12.89
S SO4 D . 0.01 11.00 26.78
O1 SO4 D . -0.99 10.14 26.17
O2 SO4 D . 0.02 12.30 26.10
O3 SO4 D . -0.28 11.12 28.22
O4 SO4 D . 1.34 10.41 26.61
C1 GOL E . -17.73 -8.36 -5.18
O1 GOL E . -18.79 -9.24 -4.84
C2 GOL E . -18.00 -7.70 -6.58
O2 GOL E . -16.98 -7.93 -7.52
C3 GOL E . -19.36 -8.26 -7.06
O3 GOL E . -19.30 -9.68 -7.06
H11 GOL E . -16.88 -8.83 -5.24
H12 GOL E . -17.60 -7.66 -4.54
HO1 GOL E . -18.46 -9.82 -4.30
H2 GOL E . -18.05 -6.75 -6.46
HO2 GOL E . -16.29 -8.20 -7.11
H31 GOL E . -19.55 -7.89 -7.94
H32 GOL E . -20.06 -7.91 -6.48
HO3 GOL E . -18.93 -9.94 -6.34
C1 PEG F . -3.38 -6.14 -20.98
O1 PEG F . -3.85 -6.50 -22.29
C2 PEG F . -1.88 -5.93 -20.90
O2 PEG F . -1.51 -4.63 -21.35
C3 PEG F . -1.63 -4.47 -22.77
C4 PEG F . -0.36 -4.88 -23.49
O4 PEG F . -0.60 -5.78 -24.56
H11 PEG F . -3.62 -6.86 -20.37
H12 PEG F . -3.82 -5.32 -20.72
HO1 PEG F . -3.97 -7.33 -22.41
H21 PEG F . -1.44 -6.60 -21.45
H22 PEG F . -1.60 -6.04 -19.98
H31 PEG F . -1.81 -3.54 -22.98
H32 PEG F . -2.35 -5.02 -23.09
H41 PEG F . 0.23 -5.31 -22.84
H42 PEG F . 0.07 -4.08 -23.84
HO4 PEG F . -1.03 -5.43 -25.20
#